data_1TZA
#
_entry.id   1TZA
#
_cell.length_a   51.947
_cell.length_b   72.287
_cell.length_c   75.574
_cell.angle_alpha   90.00
_cell.angle_beta   90.00
_cell.angle_gamma   90.00
#
_symmetry.space_group_name_H-M   'P 21 21 21'
#
loop_
_entity.id
_entity.type
_entity.pdbx_description
1 polymer 'apaG protein'
2 non-polymer 'CACODYLATE ION'
3 water water
#
_entity_poly.entity_id   1
_entity_poly.type   'polypeptide(L)'
_entity_poly.pdbx_seq_one_letter_code
;MSALDNSIRVEVKTEYIEQQSSPEDEKYLFSYTITIINLGEQAAKLETRHWIITDANGKTSEVQGAGVVGETPTIPPNTA
YQYTSGTVLDTPFGI(MSE)YGTYG(MSE)VSESGEHFNAIIKPFRLATPGLLHLEHHHHHH
;
_entity_poly.pdbx_strand_id   A,B
#
loop_
_chem_comp.id
_chem_comp.type
_chem_comp.name
_chem_comp.formula
CAC non-polymer 'CACODYLATE ION' 'C2 H6 As O2 -1'
#
# COMPACT_ATOMS: atom_id res chain seq x y z
N ALA A 3 -8.81 30.27 13.87
CA ALA A 3 -7.76 31.24 13.46
C ALA A 3 -6.97 30.72 12.27
N LEU A 4 -6.11 29.73 12.53
CA LEU A 4 -5.28 29.12 11.49
C LEU A 4 -6.02 28.00 10.76
N ASP A 5 -7.31 27.85 11.03
CA ASP A 5 -8.11 26.81 10.41
C ASP A 5 -8.09 26.85 8.88
N ASN A 6 -7.86 28.02 8.32
CA ASN A 6 -7.82 28.16 6.87
C ASN A 6 -6.41 28.08 6.28
N SER A 7 -5.40 28.20 7.14
CA SER A 7 -4.01 28.18 6.69
C SER A 7 -3.59 26.90 5.98
N ILE A 8 -4.31 25.81 6.20
CA ILE A 8 -3.94 24.55 5.56
C ILE A 8 -5.04 23.93 4.68
N ARG A 9 -4.66 23.53 3.47
CA ARG A 9 -5.57 22.91 2.53
C ARG A 9 -5.12 21.49 2.24
N VAL A 10 -6.05 20.55 2.23
CA VAL A 10 -5.72 19.15 1.98
C VAL A 10 -6.31 18.62 0.66
N GLU A 11 -5.45 18.09 -0.20
CA GLU A 11 -5.86 17.54 -1.49
C GLU A 11 -5.50 16.05 -1.51
N VAL A 12 -6.34 15.24 -2.13
CA VAL A 12 -6.07 13.82 -2.14
C VAL A 12 -6.47 13.07 -3.39
N LYS A 13 -5.64 12.11 -3.78
CA LYS A 13 -5.93 11.25 -4.91
C LYS A 13 -5.74 9.81 -4.42
N THR A 14 -6.47 8.87 -4.99
CA THR A 14 -6.39 7.48 -4.56
C THR A 14 -6.21 6.52 -5.70
N GLU A 15 -5.90 5.26 -5.36
CA GLU A 15 -5.66 4.24 -6.36
C GLU A 15 -5.91 2.84 -5.82
N TYR A 16 -6.59 2.02 -6.62
CA TYR A 16 -6.86 0.66 -6.21
C TYR A 16 -5.61 -0.12 -6.55
N ILE A 17 -4.97 -0.68 -5.53
CA ILE A 17 -3.74 -1.42 -5.79
C ILE A 17 -3.95 -2.89 -6.15
N GLU A 18 -4.48 -3.68 -5.21
CA GLU A 18 -4.63 -5.09 -5.49
C GLU A 18 -5.63 -5.76 -4.57
N GLN A 19 -6.22 -6.85 -5.04
CA GLN A 19 -7.17 -7.61 -4.25
C GLN A 19 -6.38 -8.48 -3.27
N GLN A 20 -6.80 -8.54 -2.02
CA GLN A 20 -6.10 -9.36 -1.03
C GLN A 20 -7.06 -10.39 -0.45
N SER A 21 -8.12 -10.69 -1.19
CA SER A 21 -9.14 -11.62 -0.72
C SER A 21 -8.77 -13.10 -0.53
N SER A 22 -9.33 -13.70 0.52
CA SER A 22 -9.16 -15.12 0.81
C SER A 22 -10.50 -15.72 0.38
N PRO A 23 -10.57 -17.04 0.21
CA PRO A 23 -11.82 -17.70 -0.21
C PRO A 23 -13.16 -17.15 0.30
N GLU A 24 -13.19 -16.58 1.50
CA GLU A 24 -14.45 -16.05 2.03
C GLU A 24 -14.35 -14.72 2.75
N ASP A 25 -13.23 -14.04 2.57
CA ASP A 25 -13.02 -12.75 3.20
C ASP A 25 -12.49 -11.79 2.15
N GLU A 26 -13.39 -10.96 1.64
CA GLU A 26 -13.01 -9.98 0.63
C GLU A 26 -12.13 -8.91 1.23
N LYS A 27 -11.06 -8.57 0.53
CA LYS A 27 -10.12 -7.53 0.97
C LYS A 27 -9.64 -6.78 -0.27
N TYR A 28 -9.63 -5.47 -0.18
CA TYR A 28 -9.18 -4.64 -1.30
C TYR A 28 -8.18 -3.62 -0.81
N LEU A 29 -6.95 -3.69 -1.34
CA LEU A 29 -5.88 -2.78 -0.96
C LEU A 29 -5.87 -1.48 -1.79
N PHE A 30 -5.98 -0.36 -1.10
CA PHE A 30 -5.98 0.95 -1.73
C PHE A 30 -4.80 1.78 -1.24
N SER A 31 -4.35 2.70 -2.07
CA SER A 31 -3.29 3.60 -1.66
C SER A 31 -3.92 4.98 -1.78
N TYR A 32 -3.46 5.91 -0.95
CA TYR A 32 -3.92 7.28 -1.02
C TYR A 32 -2.71 8.20 -0.86
N THR A 33 -2.66 9.24 -1.69
CA THR A 33 -1.57 10.21 -1.66
C THR A 33 -2.16 11.55 -1.24
N ILE A 34 -1.79 11.98 -0.04
CA ILE A 34 -2.28 13.23 0.52
C ILE A 34 -1.28 14.35 0.30
N THR A 35 -1.80 15.53 -0.03
CA THR A 35 -0.97 16.71 -0.23
C THR A 35 -1.52 17.70 0.77
N ILE A 36 -0.65 18.17 1.66
CA ILE A 36 -1.01 19.11 2.70
C ILE A 36 -0.28 20.42 2.44
N ILE A 37 -1.03 21.40 1.94
CA ILE A 37 -0.47 22.71 1.61
C ILE A 37 -0.62 23.73 2.73
N ASN A 38 0.49 24.34 3.11
CA ASN A 38 0.48 25.35 4.15
C ASN A 38 0.53 26.73 3.48
N LEU A 39 -0.64 27.34 3.38
CA LEU A 39 -0.79 28.65 2.77
C LEU A 39 -0.58 29.76 3.80
N GLY A 40 -0.29 29.35 5.04
CA GLY A 40 -0.08 30.31 6.11
C GLY A 40 1.22 31.10 5.95
N GLU A 41 1.41 32.09 6.81
CA GLU A 41 2.62 32.91 6.76
C GLU A 41 3.59 32.41 7.82
N GLN A 42 3.29 31.24 8.37
CA GLN A 42 4.10 30.65 9.43
C GLN A 42 4.14 29.13 9.27
N ALA A 43 5.24 28.52 9.71
CA ALA A 43 5.38 27.06 9.60
C ALA A 43 4.32 26.34 10.42
N ALA A 44 3.92 25.16 9.94
CA ALA A 44 2.92 24.34 10.61
C ALA A 44 3.41 22.89 10.68
N LYS A 45 3.32 22.31 11.87
CA LYS A 45 3.76 20.94 12.09
C LYS A 45 2.59 19.99 12.30
N LEU A 46 2.57 18.92 11.50
CA LEU A 46 1.53 17.91 11.58
C LEU A 46 1.88 16.94 12.71
N GLU A 47 1.13 16.99 13.81
CA GLU A 47 1.43 16.11 14.93
C GLU A 47 0.60 14.82 14.99
N THR A 48 -0.70 14.93 14.72
CA THR A 48 -1.57 13.75 14.77
C THR A 48 -2.52 13.62 13.59
N ARG A 49 -3.11 12.44 13.46
CA ARG A 49 -4.08 12.20 12.42
C ARG A 49 -5.21 11.41 13.06
N HIS A 50 -6.40 11.56 12.51
CA HIS A 50 -7.56 10.86 13.00
C HIS A 50 -8.43 10.57 11.79
N TRP A 51 -8.49 9.30 11.42
CA TRP A 51 -9.25 8.85 10.26
C TRP A 51 -10.55 8.15 10.64
N ILE A 52 -11.50 8.20 9.71
CA ILE A 52 -12.78 7.53 9.86
C ILE A 52 -12.91 6.86 8.50
N ILE A 53 -12.87 5.54 8.51
CA ILE A 53 -12.95 4.76 7.30
C ILE A 53 -14.25 3.96 7.27
N THR A 54 -14.98 4.10 6.18
CA THR A 54 -16.27 3.43 6.03
C THR A 54 -16.37 2.57 4.77
N ASP A 55 -16.80 1.32 4.92
CA ASP A 55 -16.95 0.44 3.75
C ASP A 55 -18.33 0.71 3.15
N ALA A 56 -18.63 0.05 2.03
CA ALA A 56 -19.90 0.25 1.35
C ALA A 56 -21.14 0.07 2.22
N ASN A 57 -21.01 -0.68 3.31
CA ASN A 57 -22.14 -0.96 4.21
C ASN A 57 -22.24 -0.08 5.44
N GLY A 58 -21.40 0.93 5.52
CA GLY A 58 -21.44 1.81 6.69
C GLY A 58 -20.61 1.32 7.86
N LYS A 59 -20.01 0.14 7.73
CA LYS A 59 -19.18 -0.42 8.80
C LYS A 59 -17.93 0.43 8.84
N THR A 60 -17.71 1.12 9.96
CA THR A 60 -16.56 2.00 10.05
C THR A 60 -15.45 1.55 11.00
N SER A 61 -14.24 2.03 10.70
CA SER A 61 -13.05 1.77 11.50
C SER A 61 -12.51 3.16 11.79
N GLU A 62 -11.72 3.29 12.84
CA GLU A 62 -11.16 4.58 13.17
C GLU A 62 -9.69 4.42 13.41
N VAL A 63 -8.89 5.28 12.81
CA VAL A 63 -7.44 5.20 12.99
C VAL A 63 -6.96 6.50 13.59
N GLN A 64 -6.21 6.40 14.68
CA GLN A 64 -5.67 7.56 15.36
C GLN A 64 -4.21 7.30 15.67
N GLY A 65 -3.35 8.28 15.41
CA GLY A 65 -1.93 8.10 15.69
C GLY A 65 -1.13 9.38 15.59
N ALA A 66 0.18 9.26 15.83
CA ALA A 66 1.06 10.42 15.77
C ALA A 66 1.61 10.55 14.35
N GLY A 67 1.48 11.75 13.80
CA GLY A 67 1.96 12.04 12.46
C GLY A 67 1.35 11.22 11.34
N VAL A 68 2.14 11.07 10.28
CA VAL A 68 1.77 10.32 9.10
C VAL A 68 3.01 9.55 8.70
N VAL A 69 2.79 8.30 8.29
CA VAL A 69 3.87 7.39 7.89
C VAL A 69 5.18 7.53 8.67
N GLY A 70 5.07 7.59 9.98
CA GLY A 70 6.26 7.66 10.82
C GLY A 70 6.86 9.01 11.15
N GLU A 71 6.34 10.08 10.59
CA GLU A 71 6.89 11.39 10.90
C GLU A 71 5.84 12.44 11.17
N THR A 72 6.28 13.46 11.90
CA THR A 72 5.49 14.63 12.26
C THR A 72 6.22 15.73 11.50
N PRO A 73 5.91 15.91 10.21
CA PRO A 73 6.56 16.90 9.35
C PRO A 73 6.22 18.37 9.61
N THR A 74 7.22 19.22 9.43
CA THR A 74 7.01 20.65 9.60
C THR A 74 6.90 21.20 8.19
N ILE A 75 5.77 21.83 7.89
CA ILE A 75 5.52 22.39 6.58
C ILE A 75 5.66 23.90 6.65
N PRO A 76 6.70 24.44 6.02
CA PRO A 76 6.88 25.90 6.06
C PRO A 76 5.83 26.60 5.19
N PRO A 77 5.77 27.94 5.25
CA PRO A 77 4.79 28.67 4.43
C PRO A 77 4.94 28.35 2.94
N ASN A 78 3.86 28.51 2.18
CA ASN A 78 3.91 28.27 0.74
C ASN A 78 4.61 26.95 0.36
N THR A 79 4.31 25.88 1.09
CA THR A 79 4.92 24.59 0.78
C THR A 79 3.87 23.49 0.82
N ALA A 80 4.01 22.52 -0.07
CA ALA A 80 3.09 21.40 -0.17
C ALA A 80 3.80 20.10 0.20
N TYR A 81 3.42 19.51 1.32
CA TYR A 81 4.02 18.25 1.76
C TYR A 81 3.16 17.09 1.31
N GLN A 82 3.76 16.16 0.58
CA GLN A 82 3.07 15.00 0.07
C GLN A 82 3.56 13.70 0.69
N TYR A 83 2.64 12.76 0.87
CA TYR A 83 2.95 11.46 1.42
C TYR A 83 1.94 10.44 0.93
N THR A 84 2.32 9.18 0.97
CA THR A 84 1.44 8.13 0.52
C THR A 84 1.33 7.03 1.56
N SER A 85 0.12 6.53 1.74
CA SER A 85 -0.13 5.44 2.68
C SER A 85 -1.22 4.60 2.02
N GLY A 86 -1.92 3.78 2.79
CA GLY A 86 -2.96 2.96 2.19
C GLY A 86 -3.88 2.33 3.21
N THR A 87 -4.86 1.58 2.73
CA THR A 87 -5.79 0.93 3.62
C THR A 87 -6.44 -0.24 2.89
N VAL A 88 -6.92 -1.21 3.66
CA VAL A 88 -7.59 -2.39 3.10
C VAL A 88 -9.07 -2.38 3.44
N LEU A 89 -9.94 -2.42 2.44
CA LEU A 89 -11.37 -2.44 2.71
C LEU A 89 -11.97 -3.81 2.47
N ASP A 90 -13.08 -4.11 3.14
CA ASP A 90 -13.75 -5.39 2.93
C ASP A 90 -14.77 -5.28 1.80
N THR A 91 -14.89 -4.09 1.21
CA THR A 91 -15.79 -3.86 0.06
C THR A 91 -15.02 -3.05 -0.99
N PRO A 92 -15.37 -3.20 -2.27
CA PRO A 92 -14.68 -2.47 -3.34
C PRO A 92 -14.95 -0.97 -3.38
N PHE A 93 -15.80 -0.51 -2.46
CA PHE A 93 -16.11 0.91 -2.37
C PHE A 93 -16.13 1.32 -0.91
N GLY A 94 -15.73 2.55 -0.65
CA GLY A 94 -15.72 3.06 0.71
C GLY A 94 -15.37 4.53 0.72
N ILE A 95 -15.43 5.13 1.90
CA ILE A 95 -15.13 6.55 2.07
C ILE A 95 -14.19 6.82 3.25
N MSE A 96 -13.36 7.85 3.11
CA MSE A 96 -12.45 8.23 4.17
C MSE A 96 -12.53 9.74 4.45
O MSE A 96 -12.76 10.53 3.53
CB MSE A 96 -11.00 7.87 3.80
CG MSE A 96 -10.62 6.41 4.02
SE MSE A 96 -8.72 6.13 3.64
CE MSE A 96 -7.92 6.76 5.30
N TYR A 97 -12.35 10.12 5.70
CA TYR A 97 -12.37 11.52 6.09
C TYR A 97 -11.80 11.62 7.50
N GLY A 98 -11.51 12.84 7.95
CA GLY A 98 -10.96 13.01 9.28
C GLY A 98 -10.24 14.33 9.47
N THR A 99 -9.25 14.36 10.36
CA THR A 99 -8.51 15.57 10.63
C THR A 99 -7.06 15.29 11.02
N TYR A 100 -6.23 16.32 10.87
CA TYR A 100 -4.83 16.26 11.23
C TYR A 100 -4.67 17.24 12.38
N GLY A 101 -4.00 16.83 13.44
CA GLY A 101 -3.79 17.73 14.55
C GLY A 101 -2.55 18.56 14.28
N MSE A 102 -2.74 19.82 13.89
CA MSE A 102 -1.60 20.70 13.58
C MSE A 102 -1.19 21.59 14.75
O MSE A 102 -1.99 21.87 15.64
CB MSE A 102 -1.94 21.63 12.40
CG MSE A 102 -2.58 20.96 11.19
SE MSE A 102 -1.39 19.77 10.22
CE MSE A 102 0.13 20.97 9.96
N VAL A 103 0.06 22.03 14.73
CA VAL A 103 0.58 22.95 15.73
C VAL A 103 1.45 23.94 14.97
N SER A 104 1.29 25.23 15.28
CA SER A 104 2.05 26.26 14.59
C SER A 104 3.34 26.63 15.30
N GLU A 105 4.21 27.32 14.58
CA GLU A 105 5.49 27.78 15.12
C GLU A 105 5.22 28.51 16.43
N SER A 106 4.13 29.28 16.45
CA SER A 106 3.75 30.05 17.63
C SER A 106 3.24 29.15 18.76
N GLY A 107 3.18 27.85 18.49
CA GLY A 107 2.72 26.91 19.50
C GLY A 107 1.23 26.62 19.55
N GLU A 108 0.44 27.35 18.76
CA GLU A 108 -0.99 27.15 18.76
C GLU A 108 -1.43 25.89 18.02
N HIS A 109 -2.39 25.19 18.62
CA HIS A 109 -2.92 23.94 18.08
C HIS A 109 -4.23 24.15 17.33
N PHE A 110 -4.34 23.55 16.14
CA PHE A 110 -5.56 23.64 15.36
C PHE A 110 -5.70 22.41 14.48
N ASN A 111 -6.83 22.28 13.79
CA ASN A 111 -7.05 21.12 12.95
C ASN A 111 -7.17 21.42 11.47
N ALA A 112 -6.60 20.54 10.66
CA ALA A 112 -6.66 20.64 9.21
C ALA A 112 -7.68 19.58 8.82
N ILE A 113 -8.80 20.01 8.25
CA ILE A 113 -9.85 19.08 7.87
C ILE A 113 -9.51 18.32 6.61
N ILE A 114 -9.87 17.04 6.60
CA ILE A 114 -9.66 16.18 5.46
C ILE A 114 -11.05 15.80 4.95
N LYS A 115 -11.49 16.48 3.89
CA LYS A 115 -12.80 16.23 3.31
C LYS A 115 -12.97 14.78 2.92
N PRO A 116 -14.21 14.29 2.94
CA PRO A 116 -14.43 12.88 2.56
C PRO A 116 -14.06 12.63 1.10
N PHE A 117 -13.37 11.51 0.86
CA PHE A 117 -12.98 11.11 -0.49
C PHE A 117 -13.25 9.61 -0.60
N ARG A 118 -13.51 9.16 -1.82
CA ARG A 118 -13.85 7.77 -2.09
C ARG A 118 -12.68 6.85 -2.36
N LEU A 119 -12.97 5.57 -2.24
CA LEU A 119 -12.03 4.50 -2.53
C LEU A 119 -12.90 3.59 -3.38
N ALA A 120 -12.50 3.34 -4.62
CA ALA A 120 -13.31 2.48 -5.46
C ALA A 120 -12.49 1.75 -6.50
N THR A 121 -12.82 0.48 -6.72
CA THR A 121 -12.13 -0.31 -7.71
C THR A 121 -12.59 0.27 -9.03
N PRO A 122 -11.68 0.43 -10.00
CA PRO A 122 -12.09 0.99 -11.29
C PRO A 122 -13.31 0.34 -11.94
N GLY A 123 -14.13 1.19 -12.58
CA GLY A 123 -15.32 0.73 -13.27
C GLY A 123 -16.33 -0.04 -12.44
N LEU A 124 -16.43 0.30 -11.17
CA LEU A 124 -17.38 -0.34 -10.29
C LEU A 124 -18.79 0.05 -10.75
N LEU A 125 -18.90 1.29 -11.25
CA LEU A 125 -20.16 1.80 -11.75
C LEU A 125 -19.98 2.09 -13.24
N HIS A 126 -20.86 1.56 -14.08
CA HIS A 126 -20.71 1.78 -15.52
C HIS A 126 -20.75 3.26 -15.90
N LEU A 127 -20.04 3.57 -16.98
CA LEU A 127 -19.92 4.92 -17.48
C LEU A 127 -21.24 5.48 -18.02
N GLU A 128 -21.49 6.76 -17.74
CA GLU A 128 -22.69 7.44 -18.25
C GLU A 128 -22.31 8.15 -19.56
N HIS A 129 -23.25 8.24 -20.48
CA HIS A 129 -22.94 8.85 -21.77
C HIS A 129 -23.73 10.09 -22.16
N HIS A 130 -23.00 11.12 -22.58
CA HIS A 130 -23.57 12.39 -23.02
C HIS A 130 -23.15 12.61 -24.48
N HIS A 131 -23.93 13.38 -25.21
CA HIS A 131 -23.59 13.68 -26.60
C HIS A 131 -24.20 15.02 -27.02
N HIS A 132 -23.53 15.72 -27.93
CA HIS A 132 -24.01 16.99 -28.44
C HIS A 132 -25.34 16.74 -29.15
N HIS A 133 -26.42 17.29 -28.61
CA HIS A 133 -27.75 17.09 -29.20
C HIS A 133 -27.96 17.87 -30.49
N HIS A 134 -29.05 17.57 -31.17
CA HIS A 134 -29.42 18.24 -32.42
C HIS A 134 -28.51 17.82 -33.57
N ALA B 3 12.38 -22.50 -20.74
CA ALA B 3 10.97 -22.79 -20.32
C ALA B 3 10.92 -23.42 -18.93
N LEU B 4 11.92 -24.24 -18.62
CA LEU B 4 12.03 -24.92 -17.33
C LEU B 4 12.05 -23.93 -16.18
N ASP B 5 11.87 -24.44 -14.96
CA ASP B 5 11.89 -23.58 -13.79
C ASP B 5 13.30 -22.99 -13.67
N ASN B 6 13.48 -22.05 -12.75
CA ASN B 6 14.77 -21.39 -12.55
C ASN B 6 15.04 -20.38 -13.66
N SER B 7 14.23 -20.42 -14.72
CA SER B 7 14.40 -19.48 -15.84
C SER B 7 13.84 -18.13 -15.43
N ILE B 8 13.13 -18.11 -14.30
CA ILE B 8 12.54 -16.91 -13.76
C ILE B 8 13.10 -16.63 -12.36
N ARG B 9 13.70 -15.46 -12.18
CA ARG B 9 14.25 -15.07 -10.90
C ARG B 9 13.39 -13.98 -10.28
N VAL B 10 13.07 -14.13 -9.00
CA VAL B 10 12.24 -13.15 -8.31
C VAL B 10 13.04 -12.46 -7.21
N GLU B 11 13.14 -11.14 -7.30
CA GLU B 11 13.87 -10.35 -6.31
C GLU B 11 12.87 -9.50 -5.53
N VAL B 12 13.12 -9.31 -4.23
CA VAL B 12 12.19 -8.58 -3.40
C VAL B 12 12.76 -7.54 -2.44
N LYS B 13 12.02 -6.43 -2.31
CA LYS B 13 12.34 -5.33 -1.41
C LYS B 13 11.02 -4.96 -0.72
N THR B 14 11.10 -4.56 0.54
CA THR B 14 9.90 -4.21 1.28
C THR B 14 10.10 -2.91 2.03
N GLU B 15 9.02 -2.38 2.58
CA GLU B 15 9.09 -1.15 3.33
C GLU B 15 7.89 -0.98 4.26
N TYR B 16 8.18 -0.80 5.53
CA TYR B 16 7.15 -0.59 6.54
C TYR B 16 6.57 0.78 6.22
N ILE B 17 5.28 0.83 5.96
CA ILE B 17 4.65 2.09 5.60
C ILE B 17 4.07 2.91 6.73
N GLU B 18 3.17 2.30 7.50
CA GLU B 18 2.50 3.04 8.57
C GLU B 18 1.69 2.15 9.52
N GLN B 19 1.69 2.49 10.81
CA GLN B 19 0.92 1.74 11.80
C GLN B 19 -0.53 2.24 11.86
N GLN B 20 -1.48 1.32 11.74
CA GLN B 20 -2.89 1.68 11.78
C GLN B 20 -3.56 1.31 13.10
N SER B 21 -3.35 2.14 14.12
CA SER B 21 -3.91 1.90 15.45
C SER B 21 -5.42 2.16 15.46
N SER B 22 -6.19 1.14 15.84
CA SER B 22 -7.63 1.25 15.90
C SER B 22 -8.13 1.29 17.33
N GLU B 26 -4.19 -3.09 16.80
CA GLU B 26 -3.14 -2.51 15.96
C GLU B 26 -2.93 -3.30 14.67
N LYS B 27 -2.68 -2.57 13.58
CA LYS B 27 -2.44 -3.16 12.27
C LYS B 27 -1.18 -2.50 11.70
N TYR B 28 -0.49 -3.18 10.80
CA TYR B 28 0.72 -2.61 10.23
C TYR B 28 0.77 -2.77 8.72
N LEU B 29 0.85 -1.65 8.01
CA LEU B 29 0.89 -1.65 6.55
C LEU B 29 2.31 -1.70 6.00
N PHE B 30 2.56 -2.67 5.13
CA PHE B 30 3.86 -2.83 4.50
C PHE B 30 3.66 -2.76 2.99
N SER B 31 4.72 -2.37 2.28
CA SER B 31 4.67 -2.33 0.82
C SER B 31 5.79 -3.25 0.38
N TYR B 32 5.65 -3.85 -0.79
CA TYR B 32 6.70 -4.71 -1.31
C TYR B 32 6.80 -4.50 -2.80
N THR B 33 8.02 -4.35 -3.27
CA THR B 33 8.32 -4.12 -4.68
C THR B 33 9.04 -5.34 -5.19
N ILE B 34 8.42 -6.02 -6.15
CA ILE B 34 8.97 -7.22 -6.71
C ILE B 34 9.44 -7.04 -8.16
N THR B 35 10.62 -7.57 -8.45
CA THR B 35 11.17 -7.51 -9.80
C THR B 35 11.22 -8.95 -10.28
N ILE B 36 10.48 -9.23 -11.35
CA ILE B 36 10.43 -10.56 -11.92
C ILE B 36 11.28 -10.52 -13.19
N ILE B 37 12.40 -11.23 -13.16
CA ILE B 37 13.31 -11.25 -14.29
C ILE B 37 13.30 -12.59 -15.01
N ASN B 38 13.17 -12.55 -16.33
CA ASN B 38 13.14 -13.75 -17.14
C ASN B 38 14.46 -13.94 -17.87
N LEU B 39 15.18 -15.00 -17.51
CA LEU B 39 16.47 -15.27 -18.12
C LEU B 39 16.40 -16.49 -19.04
N GLY B 40 15.18 -16.89 -19.40
CA GLY B 40 15.00 -18.04 -20.26
C GLY B 40 15.06 -17.72 -21.74
N GLU B 41 14.93 -18.75 -22.57
CA GLU B 41 14.99 -18.59 -24.02
C GLU B 41 13.78 -17.87 -24.59
N GLN B 42 12.59 -18.23 -24.11
CA GLN B 42 11.36 -17.60 -24.58
C GLN B 42 10.67 -16.71 -23.55
N ALA B 43 9.65 -15.98 -23.99
CA ALA B 43 8.92 -15.10 -23.11
C ALA B 43 8.00 -15.92 -22.19
N ALA B 44 7.60 -15.34 -21.06
CA ALA B 44 6.71 -16.02 -20.12
C ALA B 44 5.69 -15.01 -19.60
N LYS B 45 4.49 -15.49 -19.34
CA LYS B 45 3.43 -14.62 -18.87
C LYS B 45 3.04 -14.98 -17.44
N LEU B 46 2.86 -13.96 -16.61
CA LEU B 46 2.45 -14.20 -15.23
C LEU B 46 0.92 -14.22 -15.25
N GLU B 47 0.33 -15.37 -14.95
CA GLU B 47 -1.12 -15.49 -14.97
C GLU B 47 -1.79 -15.46 -13.60
N THR B 48 -1.12 -16.02 -12.61
CA THR B 48 -1.68 -16.04 -11.27
C THR B 48 -0.63 -15.81 -10.20
N ARG B 49 -1.09 -15.61 -8.97
CA ARG B 49 -0.19 -15.42 -7.84
C ARG B 49 -0.75 -16.24 -6.67
N HIS B 50 0.13 -16.61 -5.76
CA HIS B 50 -0.27 -17.39 -4.60
C HIS B 50 0.63 -17.04 -3.42
N TRP B 51 0.10 -16.15 -2.58
CA TRP B 51 0.81 -15.67 -1.41
C TRP B 51 0.44 -16.42 -0.13
N ILE B 52 1.43 -16.55 0.74
CA ILE B 52 1.23 -17.18 2.03
C ILE B 52 1.92 -16.23 3.02
N ILE B 53 1.10 -15.58 3.84
CA ILE B 53 1.60 -14.59 4.78
C ILE B 53 1.46 -15.10 6.20
N THR B 54 2.50 -14.88 6.99
CA THR B 54 2.52 -15.33 8.38
C THR B 54 3.03 -14.23 9.30
N ASP B 55 2.25 -13.88 10.32
CA ASP B 55 2.64 -12.83 11.24
C ASP B 55 3.39 -13.38 12.46
N ALA B 56 3.84 -12.47 13.32
CA ALA B 56 4.60 -12.82 14.52
C ALA B 56 3.87 -13.78 15.47
N ASN B 57 2.55 -13.82 15.38
CA ASN B 57 1.72 -14.67 16.26
C ASN B 57 1.48 -16.06 15.70
N GLY B 58 1.91 -16.29 14.48
CA GLY B 58 1.70 -17.59 13.88
C GLY B 58 0.42 -17.66 13.06
N LYS B 59 -0.29 -16.54 13.00
CA LYS B 59 -1.53 -16.47 12.23
C LYS B 59 -1.17 -16.35 10.75
N THR B 60 -1.72 -17.25 9.94
CA THR B 60 -1.44 -17.28 8.53
C THR B 60 -2.66 -17.03 7.64
N SER B 61 -2.41 -16.33 6.52
CA SER B 61 -3.44 -16.04 5.54
C SER B 61 -2.90 -16.28 4.12
N GLU B 62 -3.79 -16.55 3.18
CA GLU B 62 -3.40 -16.80 1.79
C GLU B 62 -4.19 -15.97 0.79
N VAL B 63 -3.52 -15.63 -0.31
CA VAL B 63 -4.14 -14.85 -1.36
C VAL B 63 -3.80 -15.52 -2.68
N GLN B 64 -4.84 -15.91 -3.41
CA GLN B 64 -4.71 -16.55 -4.71
C GLN B 64 -5.50 -15.65 -5.66
N GLY B 65 -4.91 -15.26 -6.78
CA GLY B 65 -5.63 -14.39 -7.70
C GLY B 65 -5.02 -14.32 -9.09
N ALA B 66 -5.69 -13.62 -9.98
CA ALA B 66 -5.22 -13.48 -11.35
C ALA B 66 -4.23 -12.32 -11.44
N GLY B 67 -3.09 -12.58 -12.09
CA GLY B 67 -2.07 -11.56 -12.25
C GLY B 67 -1.60 -10.92 -10.97
N VAL B 68 -0.93 -9.78 -11.10
CA VAL B 68 -0.43 -9.01 -9.97
C VAL B 68 -0.87 -7.58 -10.21
N VAL B 69 -1.31 -6.90 -9.15
CA VAL B 69 -1.81 -5.54 -9.24
C VAL B 69 -2.72 -5.33 -10.45
N GLY B 70 -3.55 -6.33 -10.74
CA GLY B 70 -4.52 -6.26 -11.82
C GLY B 70 -4.05 -6.54 -13.24
N GLU B 71 -2.79 -6.88 -13.39
CA GLU B 71 -2.21 -7.14 -14.70
C GLU B 71 -1.57 -8.54 -14.84
N THR B 72 -1.60 -9.07 -16.07
CA THR B 72 -1.00 -10.36 -16.39
C THR B 72 0.09 -10.05 -17.40
N PRO B 73 1.19 -9.44 -16.93
CA PRO B 73 2.29 -9.08 -17.84
C PRO B 73 3.00 -10.23 -18.54
N THR B 74 3.49 -9.94 -19.73
CA THR B 74 4.24 -10.88 -20.53
C THR B 74 5.65 -10.33 -20.39
N ILE B 75 6.58 -11.15 -19.93
CA ILE B 75 7.95 -10.73 -19.73
C ILE B 75 8.86 -11.39 -20.77
N PRO B 76 9.26 -10.63 -21.80
CA PRO B 76 10.14 -11.16 -22.85
C PRO B 76 11.47 -11.63 -22.25
N PRO B 77 12.23 -12.42 -23.02
CA PRO B 77 13.52 -12.91 -22.53
C PRO B 77 14.44 -11.76 -22.13
N ASN B 78 15.29 -12.00 -21.14
CA ASN B 78 16.23 -11.00 -20.68
C ASN B 78 15.55 -9.68 -20.31
N THR B 79 14.31 -9.77 -19.84
CA THR B 79 13.57 -8.57 -19.45
C THR B 79 13.11 -8.68 -18.01
N ALA B 80 13.00 -7.54 -17.34
CA ALA B 80 12.57 -7.53 -15.94
C ALA B 80 11.29 -6.73 -15.76
N TYR B 81 10.31 -7.33 -15.08
CA TYR B 81 9.03 -6.67 -14.81
C TYR B 81 8.95 -6.32 -13.32
N GLN B 82 8.79 -5.04 -13.01
CA GLN B 82 8.71 -4.61 -11.61
C GLN B 82 7.35 -4.05 -11.21
N TYR B 83 6.94 -4.32 -9.97
CA TYR B 83 5.66 -3.82 -9.50
C TYR B 83 5.65 -3.69 -7.97
N THR B 84 4.70 -2.91 -7.46
CA THR B 84 4.61 -2.71 -6.03
C THR B 84 3.21 -2.98 -5.50
N SER B 85 3.14 -3.60 -4.33
CA SER B 85 1.87 -3.88 -3.67
C SER B 85 2.09 -3.78 -2.16
N GLY B 86 1.23 -4.40 -1.37
CA GLY B 86 1.41 -4.34 0.07
C GLY B 86 0.52 -5.31 0.80
N THR B 87 0.64 -5.32 2.11
CA THR B 87 -0.18 -6.19 2.94
C THR B 87 -0.27 -5.55 4.31
N VAL B 88 -1.36 -5.84 5.00
CA VAL B 88 -1.55 -5.30 6.33
C VAL B 88 -1.43 -6.46 7.30
N LEU B 89 -0.51 -6.34 8.24
CA LEU B 89 -0.29 -7.38 9.24
C LEU B 89 -0.89 -6.97 10.57
N ASP B 90 -1.09 -7.96 11.44
CA ASP B 90 -1.63 -7.68 12.76
C ASP B 90 -0.44 -7.46 13.70
N THR B 91 0.75 -7.81 13.23
CA THR B 91 1.96 -7.65 14.03
C THR B 91 3.01 -6.82 13.31
N PRO B 92 3.96 -6.25 14.06
CA PRO B 92 5.02 -5.42 13.46
C PRO B 92 6.06 -6.16 12.63
N PHE B 93 5.87 -7.48 12.49
CA PHE B 93 6.77 -8.27 11.65
C PHE B 93 6.19 -9.60 11.26
N GLY B 94 6.68 -10.14 10.16
CA GLY B 94 6.21 -11.43 9.69
C GLY B 94 7.06 -11.95 8.56
N ILE B 95 6.62 -13.07 8.00
CA ILE B 95 7.30 -13.71 6.89
C ILE B 95 6.31 -13.90 5.74
N MSE B 96 6.80 -13.72 4.52
CA MSE B 96 5.97 -13.84 3.35
C MSE B 96 6.72 -14.60 2.24
O MSE B 96 7.91 -14.35 2.00
CB MSE B 96 5.60 -12.43 2.88
CG MSE B 96 4.49 -12.35 1.83
SE MSE B 96 3.79 -10.51 1.65
CE MSE B 96 2.45 -10.88 0.32
N TYR B 97 6.03 -15.54 1.60
CA TYR B 97 6.61 -16.31 0.51
C TYR B 97 5.44 -16.76 -0.38
N GLY B 98 5.72 -17.40 -1.51
CA GLY B 98 4.64 -17.83 -2.37
C GLY B 98 5.09 -18.27 -3.75
N THR B 99 4.16 -18.24 -4.72
CA THR B 99 4.48 -18.63 -6.09
C THR B 99 3.63 -17.90 -7.11
N TYR B 100 4.18 -17.76 -8.31
CA TYR B 100 3.48 -17.12 -9.43
C TYR B 100 3.18 -18.23 -10.44
N GLY B 101 2.02 -18.16 -11.08
CA GLY B 101 1.66 -19.15 -12.07
C GLY B 101 2.06 -18.62 -13.43
N MSE B 102 3.13 -19.16 -13.99
CA MSE B 102 3.63 -18.69 -15.29
C MSE B 102 3.17 -19.56 -16.46
O MSE B 102 2.66 -20.67 -16.27
CB MSE B 102 5.17 -18.65 -15.27
CG MSE B 102 5.82 -18.03 -14.03
SE MSE B 102 5.45 -16.12 -13.90
CE MSE B 102 6.45 -15.43 -15.41
N VAL B 103 3.36 -19.03 -17.65
CA VAL B 103 3.02 -19.71 -18.90
C VAL B 103 4.03 -19.30 -19.95
N SER B 104 4.75 -20.28 -20.46
CA SER B 104 5.78 -20.06 -21.47
C SER B 104 5.15 -19.73 -22.83
N GLU B 105 5.97 -19.15 -23.72
CA GLU B 105 5.52 -18.80 -25.06
C GLU B 105 4.99 -20.04 -25.76
N SER B 106 5.58 -21.19 -25.44
CA SER B 106 5.17 -22.45 -26.04
C SER B 106 3.94 -23.04 -25.36
N GLY B 107 3.22 -22.20 -24.62
CA GLY B 107 2.02 -22.67 -23.94
C GLY B 107 2.28 -23.67 -22.82
N GLU B 108 3.46 -23.59 -22.21
CA GLU B 108 3.81 -24.49 -21.12
C GLU B 108 3.67 -23.78 -19.79
N HIS B 109 2.84 -24.31 -18.90
CA HIS B 109 2.64 -23.69 -17.61
C HIS B 109 3.66 -24.14 -16.55
N PHE B 110 4.14 -23.20 -15.75
CA PHE B 110 5.08 -23.51 -14.69
C PHE B 110 4.99 -22.46 -13.58
N ASN B 111 5.57 -22.78 -12.42
CA ASN B 111 5.54 -21.88 -11.28
C ASN B 111 6.85 -21.16 -11.06
N ALA B 112 6.78 -19.87 -10.78
CA ALA B 112 7.97 -19.09 -10.49
C ALA B 112 8.00 -19.00 -8.97
N ILE B 113 9.14 -19.31 -8.36
CA ILE B 113 9.25 -19.28 -6.90
C ILE B 113 9.69 -17.94 -6.33
N ILE B 114 8.97 -17.48 -5.33
CA ILE B 114 9.34 -16.25 -4.68
C ILE B 114 9.66 -16.63 -3.22
N LYS B 115 10.96 -16.78 -2.97
CA LYS B 115 11.50 -17.16 -1.66
C LYS B 115 11.00 -16.33 -0.49
N PRO B 116 11.04 -16.89 0.73
CA PRO B 116 10.59 -16.18 1.92
C PRO B 116 11.31 -14.86 2.10
N PHE B 117 10.58 -13.84 2.53
CA PHE B 117 11.18 -12.55 2.76
C PHE B 117 10.52 -11.92 3.97
N ARG B 118 11.27 -11.07 4.65
CA ARG B 118 10.84 -10.42 5.88
C ARG B 118 10.02 -9.16 5.74
N LEU B 119 9.04 -9.03 6.63
CA LEU B 119 8.20 -7.85 6.73
C LEU B 119 8.48 -7.39 8.16
N ALA B 120 9.04 -6.20 8.34
CA ALA B 120 9.33 -5.73 9.70
C ALA B 120 9.62 -4.25 9.79
N THR B 121 9.20 -3.65 10.90
CA THR B 121 9.45 -2.23 11.13
C THR B 121 10.94 -2.06 11.29
N PRO B 122 11.47 -0.89 10.93
CA PRO B 122 12.92 -0.69 11.07
C PRO B 122 13.45 -0.87 12.50
N GLY B 123 12.56 -0.73 13.48
CA GLY B 123 13.00 -0.89 14.86
C GLY B 123 13.03 -2.32 15.37
N LEU B 124 12.38 -3.23 14.65
CA LEU B 124 12.34 -4.62 15.07
C LEU B 124 13.09 -5.55 14.12
N LEU B 125 13.86 -4.97 13.20
CA LEU B 125 14.64 -5.75 12.25
C LEU B 125 15.80 -6.35 13.04
N HIS B 126 15.90 -7.67 13.04
CA HIS B 126 16.94 -8.36 13.79
C HIS B 126 18.35 -8.18 13.25
N LEU B 127 19.25 -7.82 14.14
CA LEU B 127 20.65 -7.61 13.78
C LEU B 127 21.56 -8.42 14.66
N GLU B 128 22.43 -9.22 14.07
CA GLU B 128 23.37 -9.96 14.90
C GLU B 128 24.51 -8.98 15.12
N HIS B 129 25.10 -8.98 16.30
CA HIS B 129 26.18 -8.05 16.56
C HIS B 129 27.55 -8.70 16.74
N HIS B 130 28.53 -8.15 16.03
CA HIS B 130 29.92 -8.61 16.07
C HIS B 130 30.78 -7.41 16.47
N HIS B 131 32.04 -7.66 16.76
CA HIS B 131 32.95 -6.58 17.13
C HIS B 131 34.40 -7.00 16.94
N HIS B 132 35.29 -6.02 16.92
CA HIS B 132 36.71 -6.28 16.74
C HIS B 132 37.33 -6.93 17.98
N HIS B 133 38.11 -8.00 17.76
CA HIS B 133 38.80 -8.71 18.84
C HIS B 133 40.23 -8.17 18.90
N HIS B 134 40.61 -7.65 20.06
CA HIS B 134 41.97 -7.11 20.22
C HIS B 134 42.82 -7.98 21.14
AS CAC C . 1.01 0.97 -0.65
O1 CAC C . -0.78 0.76 -0.85
O2 CAC C . 1.56 2.24 0.47
C1 CAC C . 1.76 -0.80 -0.17
C2 CAC C . 1.81 1.23 -2.45
#